data_2E87
#
_entry.id   2E87
#
_cell.length_a   47.253
_cell.length_b   99.191
_cell.length_c   126.135
_cell.angle_alpha   90.00
_cell.angle_beta   90.00
_cell.angle_gamma   90.00
#
_symmetry.space_group_name_H-M   'P 21 21 21'
#
loop_
_entity.id
_entity.type
_entity.pdbx_description
1 polymer 'Hypothetical protein PH1320'
2 non-polymer 'SULFATE ION'
3 non-polymer "GUANOSINE-5'-DIPHOSPHATE"
4 water water
#
_entity_poly.entity_id   1
_entity_poly.type   'polypeptide(L)'
_entity_poly.pdbx_seq_one_letter_code
;(MSE)RNPFER(MSE)PTVLTADELIDKAFRRAEKAASSFKPRGNKVKKARLREELRVRTVSNVVRDNLRKVLERTPGLS
TLPKFYQELVDVLVDRDTFHKA(MSE)AGIDWAIRIIRELEERYVERIRYSNDPNEIAELRRQFYGRVASVLRDIDDRLR
YLNKAREVLKDLPVVDLEIPTVVIAGHPNVGKSTLLKALTTAKPEIASYPFTTRGINVGQFEDGYFRYQIIDTPGLLDRP
ISERNEIEKQAILALRYLGNLIIYIFDPSEHCGFPLEEQIHLFEEVHGEFKDLPFLVVINKIDVADEENIKRLEKFVKEK
GLNPIKISALKGTGIDLVKEEIIKTLRPLAEKVAREKIERELRRYRSYL
;
_entity_poly.pdbx_strand_id   A
#
loop_
_chem_comp.id
_chem_comp.type
_chem_comp.name
_chem_comp.formula
GDP RNA linking GUANOSINE-5'-DIPHOSPHATE 'C10 H15 N5 O11 P2'
SO4 non-polymer 'SULFATE ION' 'O4 S -2'
#
# COMPACT_ATOMS: atom_id res chain seq x y z
N MSE A 1 -0.94 11.92 5.62
CA MSE A 1 -0.50 10.69 4.91
C MSE A 1 0.16 9.72 5.89
O MSE A 1 0.62 10.13 6.96
CB MSE A 1 0.49 11.07 3.80
CG MSE A 1 1.82 11.60 4.32
SE MSE A 1 2.96 12.33 2.94
CE MSE A 1 3.35 14.06 3.73
N ARG A 2 0.22 8.45 5.53
CA ARG A 2 0.83 7.41 6.37
C ARG A 2 0.81 6.05 5.68
N ASN A 3 1.26 5.01 6.41
CA ASN A 3 1.28 3.64 5.89
C ASN A 3 0.01 2.97 6.43
N PRO A 4 -0.91 2.58 5.54
CA PRO A 4 -2.20 1.94 5.86
C PRO A 4 -2.12 0.70 6.74
N PHE A 5 -0.96 0.04 6.74
CA PHE A 5 -0.81 -1.18 7.51
C PHE A 5 -0.09 -1.00 8.85
N GLU A 6 0.35 0.22 9.16
CA GLU A 6 1.06 0.45 10.41
C GLU A 6 0.31 -0.13 11.58
N ARG A 7 -1.00 -0.24 11.46
CA ARG A 7 -1.86 -0.78 12.52
C ARG A 7 -1.96 -2.32 12.48
N MSE A 8 -1.54 -2.93 11.38
CA MSE A 8 -1.61 -4.38 11.28
C MSE A 8 -0.69 -5.01 12.35
O MSE A 8 0.52 -4.83 12.35
CB MSE A 8 -1.23 -4.86 9.87
CG MSE A 8 -1.32 -6.36 9.68
SE MSE A 8 -0.84 -6.99 7.90
CE MSE A 8 0.59 -5.76 7.52
N PRO A 9 -1.29 -5.76 13.26
CA PRO A 9 -0.60 -6.44 14.36
C PRO A 9 0.24 -7.63 13.94
N THR A 10 1.18 -8.00 14.81
CA THR A 10 2.01 -9.14 14.54
C THR A 10 1.07 -10.34 14.69
N VAL A 11 1.10 -11.24 13.74
CA VAL A 11 0.25 -12.42 13.75
C VAL A 11 0.95 -13.56 14.49
N LEU A 12 0.29 -14.10 15.50
CA LEU A 12 0.85 -15.23 16.24
C LEU A 12 0.83 -16.51 15.39
N THR A 13 1.80 -17.39 15.56
CA THR A 13 1.83 -18.64 14.81
C THR A 13 0.82 -19.61 15.44
N ALA A 14 0.45 -20.65 14.69
CA ALA A 14 -0.50 -21.62 15.23
C ALA A 14 -0.07 -22.11 16.63
N ASP A 15 1.19 -22.47 16.78
CA ASP A 15 1.70 -22.93 18.07
C ASP A 15 1.59 -21.90 19.19
N GLU A 16 1.95 -20.66 18.88
CA GLU A 16 1.89 -19.60 19.89
C GLU A 16 0.45 -19.36 20.30
N LEU A 17 -0.49 -19.47 19.37
CA LEU A 17 -1.89 -19.23 19.69
C LEU A 17 -2.40 -20.39 20.53
N ILE A 18 -1.99 -21.59 20.16
CA ILE A 18 -2.40 -22.78 20.89
C ILE A 18 -1.92 -22.66 22.33
N ASP A 19 -0.64 -22.39 22.50
CA ASP A 19 -0.07 -22.26 23.82
C ASP A 19 -0.73 -21.16 24.63
N LYS A 20 -0.96 -20.01 24.01
CA LYS A 20 -1.60 -18.89 24.70
C LYS A 20 -2.98 -19.33 25.18
N ALA A 21 -3.74 -19.93 24.27
CA ALA A 21 -5.08 -20.38 24.59
C ALA A 21 -5.13 -21.47 25.66
N PHE A 22 -4.29 -22.50 25.55
CA PHE A 22 -4.31 -23.57 26.55
C PHE A 22 -3.87 -23.01 27.90
N ARG A 23 -2.81 -22.22 27.88
CA ARG A 23 -2.29 -21.60 29.09
C ARG A 23 -3.38 -20.80 29.79
N ARG A 24 -4.11 -19.99 29.02
CA ARG A 24 -5.17 -19.16 29.59
C ARG A 24 -6.32 -20.01 30.12
N ALA A 25 -6.54 -21.16 29.51
CA ALA A 25 -7.61 -22.04 29.92
C ALA A 25 -7.20 -22.73 31.22
N GLU A 26 -5.92 -23.05 31.33
CA GLU A 26 -5.38 -23.70 32.51
C GLU A 26 -5.57 -22.75 33.70
N LYS A 27 -5.16 -21.50 33.51
CA LYS A 27 -5.25 -20.50 34.56
C LYS A 27 -6.68 -20.26 35.02
N ALA A 28 -7.60 -20.15 34.08
CA ALA A 28 -8.99 -19.90 34.43
C ALA A 28 -9.65 -21.06 35.15
N ALA A 29 -9.22 -22.29 34.87
CA ALA A 29 -9.84 -23.45 35.49
C ALA A 29 -9.44 -23.69 36.95
N SER A 30 -8.19 -23.39 37.30
CA SER A 30 -7.73 -23.62 38.67
C SER A 30 -8.28 -22.59 39.64
N SER A 31 -8.54 -21.37 39.16
CA SER A 31 -9.05 -20.32 40.03
C SER A 31 -10.58 -20.19 39.93
N PHE A 32 -11.22 -21.20 39.37
CA PHE A 32 -12.68 -21.24 39.22
C PHE A 32 -13.20 -22.02 40.40
N LYS A 33 -14.34 -21.62 40.96
CA LYS A 33 -14.93 -22.29 42.11
C LYS A 33 -16.21 -23.03 41.74
N PRO A 34 -16.09 -24.21 41.11
CA PRO A 34 -17.23 -25.03 40.70
C PRO A 34 -18.34 -25.08 41.77
N ARG A 35 -19.55 -25.47 41.36
CA ARG A 35 -20.71 -25.51 42.24
C ARG A 35 -20.94 -26.66 43.22
N GLY A 36 -21.52 -27.77 42.76
CA GLY A 36 -21.80 -28.87 43.67
C GLY A 36 -21.19 -30.24 43.42
N ASN A 37 -22.03 -31.18 42.98
CA ASN A 37 -21.63 -32.56 42.69
C ASN A 37 -20.19 -32.65 42.18
N LYS A 38 -19.48 -33.75 42.47
CA LYS A 38 -18.10 -33.87 42.00
C LYS A 38 -18.08 -33.77 40.47
N VAL A 39 -18.92 -34.58 39.82
CA VAL A 39 -19.02 -34.62 38.36
C VAL A 39 -19.51 -33.31 37.77
N LYS A 40 -20.36 -32.61 38.50
CA LYS A 40 -20.89 -31.34 38.04
C LYS A 40 -19.76 -30.31 37.99
N LYS A 41 -18.87 -30.37 38.99
CA LYS A 41 -17.74 -29.45 39.11
C LYS A 41 -16.71 -29.64 38.00
N ALA A 42 -16.41 -30.89 37.68
CA ALA A 42 -15.48 -31.18 36.61
C ALA A 42 -16.12 -30.70 35.30
N ARG A 43 -17.41 -30.99 35.15
CA ARG A 43 -18.17 -30.61 33.97
C ARG A 43 -18.21 -29.10 33.73
N LEU A 44 -18.33 -28.31 34.81
CA LEU A 44 -18.35 -26.86 34.67
C LEU A 44 -16.95 -26.32 34.41
N ARG A 45 -15.95 -27.10 34.78
CA ARG A 45 -14.58 -26.66 34.57
C ARG A 45 -14.22 -26.90 33.11
N GLU A 46 -14.58 -28.09 32.63
CA GLU A 46 -14.31 -28.47 31.26
C GLU A 46 -15.03 -27.51 30.31
N GLU A 47 -16.25 -27.11 30.68
CA GLU A 47 -17.00 -26.16 29.88
C GLU A 47 -16.27 -24.82 29.87
N LEU A 48 -15.74 -24.43 31.03
CA LEU A 48 -15.03 -23.17 31.13
C LEU A 48 -13.80 -23.24 30.23
N ARG A 49 -13.10 -24.36 30.25
CA ARG A 49 -11.90 -24.51 29.43
C ARG A 49 -12.26 -24.38 27.95
N VAL A 50 -13.31 -25.08 27.53
CA VAL A 50 -13.72 -25.02 26.13
C VAL A 50 -14.03 -23.59 25.69
N ARG A 51 -14.67 -22.82 26.56
CA ARG A 51 -15.01 -21.45 26.23
C ARG A 51 -13.81 -20.52 26.22
N THR A 52 -12.89 -20.72 27.16
CA THR A 52 -11.71 -19.89 27.25
C THR A 52 -10.81 -20.10 26.04
N VAL A 53 -10.62 -21.36 25.64
CA VAL A 53 -9.78 -21.63 24.47
C VAL A 53 -10.44 -20.98 23.27
N SER A 54 -11.73 -21.16 23.14
CA SER A 54 -12.45 -20.60 22.02
C SER A 54 -12.33 -19.08 21.96
N ASN A 55 -12.49 -18.42 23.09
CA ASN A 55 -12.41 -16.96 23.12
C ASN A 55 -11.04 -16.38 22.90
N VAL A 56 -10.04 -17.01 23.48
CA VAL A 56 -8.69 -16.50 23.33
C VAL A 56 -8.25 -16.61 21.88
N VAL A 57 -8.53 -17.74 21.25
CA VAL A 57 -8.14 -17.92 19.86
C VAL A 57 -8.90 -16.96 18.95
N ARG A 58 -10.22 -16.90 19.11
CA ARG A 58 -11.03 -16.05 18.28
C ARG A 58 -10.71 -14.57 18.48
N ASP A 59 -10.37 -14.18 19.70
CA ASP A 59 -10.06 -12.79 19.95
C ASP A 59 -8.77 -12.38 19.24
N ASN A 60 -7.72 -13.20 19.36
CA ASN A 60 -6.47 -12.86 18.70
C ASN A 60 -6.63 -12.85 17.18
N LEU A 61 -7.24 -13.90 16.63
CA LEU A 61 -7.41 -13.94 15.18
C LEU A 61 -8.26 -12.78 14.68
N ARG A 62 -9.38 -12.51 15.34
CA ARG A 62 -10.28 -11.44 14.93
C ARG A 62 -9.60 -10.08 14.92
N LYS A 63 -8.61 -9.91 15.79
CA LYS A 63 -7.86 -8.66 15.88
C LYS A 63 -7.11 -8.41 14.56
N VAL A 64 -6.67 -9.49 13.91
CA VAL A 64 -5.97 -9.40 12.63
C VAL A 64 -6.90 -8.91 11.52
N LEU A 65 -8.10 -9.46 11.50
CA LEU A 65 -9.09 -9.07 10.48
C LEU A 65 -9.58 -7.64 10.68
N GLU A 66 -9.67 -7.20 11.94
CA GLU A 66 -10.17 -5.86 12.22
C GLU A 66 -9.15 -4.75 12.01
N ARG A 67 -7.91 -4.97 12.41
CA ARG A 67 -6.90 -3.94 12.27
C ARG A 67 -6.15 -3.86 10.95
N THR A 68 -6.45 -4.77 10.03
CA THR A 68 -5.80 -4.75 8.74
C THR A 68 -6.82 -4.15 7.80
N PRO A 69 -6.45 -3.10 7.06
CA PRO A 69 -7.42 -2.50 6.14
C PRO A 69 -7.83 -3.45 5.02
N GLY A 70 -9.11 -3.42 4.65
CA GLY A 70 -9.54 -4.25 3.55
C GLY A 70 -8.89 -3.64 2.32
N LEU A 71 -8.30 -4.46 1.47
CA LEU A 71 -7.62 -3.94 0.29
C LEU A 71 -8.54 -3.06 -0.58
N SER A 72 -9.82 -3.42 -0.68
CA SER A 72 -10.77 -2.67 -1.50
C SER A 72 -10.99 -1.24 -0.98
N THR A 73 -10.65 -0.99 0.28
CA THR A 73 -10.80 0.32 0.88
C THR A 73 -9.57 1.21 0.63
N LEU A 74 -8.55 0.66 0.01
CA LEU A 74 -7.34 1.41 -0.26
C LEU A 74 -7.35 2.15 -1.58
N PRO A 75 -6.60 3.24 -1.68
CA PRO A 75 -6.58 3.96 -2.95
C PRO A 75 -5.98 2.98 -3.98
N LYS A 76 -6.40 3.06 -5.23
CA LYS A 76 -5.92 2.19 -6.30
C LYS A 76 -4.42 2.04 -6.36
N PHE A 77 -3.72 3.14 -6.10
CA PHE A 77 -2.27 3.13 -6.13
C PHE A 77 -1.70 2.13 -5.13
N TYR A 78 -2.22 2.14 -3.91
CA TYR A 78 -1.76 1.20 -2.89
C TYR A 78 -2.23 -0.23 -3.20
N GLN A 79 -3.41 -0.35 -3.79
CA GLN A 79 -3.90 -1.68 -4.14
C GLN A 79 -2.91 -2.28 -5.13
N GLU A 80 -2.44 -1.43 -6.03
CA GLU A 80 -1.48 -1.90 -7.03
C GLU A 80 -0.13 -2.28 -6.38
N LEU A 81 0.42 -1.42 -5.53
CA LEU A 81 1.69 -1.77 -4.93
C LEU A 81 1.58 -2.90 -3.92
N VAL A 82 0.45 -3.01 -3.23
CA VAL A 82 0.25 -4.11 -2.28
C VAL A 82 0.35 -5.42 -3.06
N ASP A 83 -0.30 -5.45 -4.23
CA ASP A 83 -0.31 -6.60 -5.08
C ASP A 83 1.13 -6.90 -5.51
N VAL A 84 1.87 -5.86 -5.86
CA VAL A 84 3.26 -6.05 -6.28
C VAL A 84 4.13 -6.63 -5.18
N LEU A 85 3.95 -6.16 -3.96
CA LEU A 85 4.77 -6.61 -2.85
C LEU A 85 4.44 -7.95 -2.20
N VAL A 86 3.17 -8.31 -2.11
CA VAL A 86 2.82 -9.55 -1.42
C VAL A 86 1.78 -10.40 -2.12
N ASP A 87 1.29 -9.90 -3.26
CA ASP A 87 0.27 -10.57 -4.07
C ASP A 87 -1.14 -10.47 -3.51
N ARG A 88 -1.96 -9.65 -4.15
CA ARG A 88 -3.32 -9.42 -3.72
C ARG A 88 -4.16 -10.67 -3.46
N ASP A 89 -4.14 -11.60 -4.41
CA ASP A 89 -4.93 -12.81 -4.30
C ASP A 89 -4.51 -13.68 -3.12
N THR A 90 -3.20 -13.77 -2.89
CA THR A 90 -2.67 -14.53 -1.78
C THR A 90 -3.10 -13.89 -0.45
N PHE A 91 -3.03 -12.56 -0.41
CA PHE A 91 -3.41 -11.84 0.81
C PHE A 91 -4.87 -12.09 1.16
N HIS A 92 -5.77 -11.91 0.19
CA HIS A 92 -7.18 -12.10 0.42
C HIS A 92 -7.48 -13.49 0.94
N LYS A 93 -6.81 -14.49 0.37
CA LYS A 93 -7.01 -15.87 0.76
C LYS A 93 -6.48 -16.22 2.13
N ALA A 94 -5.35 -15.62 2.48
CA ALA A 94 -4.77 -15.87 3.79
C ALA A 94 -5.77 -15.31 4.81
N MSE A 95 -6.23 -14.08 4.57
CA MSE A 95 -7.19 -13.47 5.48
C MSE A 95 -8.44 -14.31 5.57
O MSE A 95 -8.97 -14.51 6.66
CB MSE A 95 -7.55 -12.07 5.00
CG MSE A 95 -6.42 -11.05 5.12
SE MSE A 95 -5.84 -10.73 6.95
CE MSE A 95 -7.27 -9.54 7.50
N ALA A 96 -8.91 -14.82 4.44
CA ALA A 96 -10.11 -15.66 4.44
C ALA A 96 -9.88 -16.95 5.24
N GLY A 97 -8.63 -17.39 5.29
CA GLY A 97 -8.35 -18.58 6.07
C GLY A 97 -8.54 -18.26 7.54
N ILE A 98 -8.22 -17.04 7.94
CA ILE A 98 -8.38 -16.62 9.33
C ILE A 98 -9.88 -16.60 9.68
N ASP A 99 -10.68 -15.96 8.83
CA ASP A 99 -12.12 -15.87 9.05
C ASP A 99 -12.72 -17.27 9.13
N TRP A 100 -12.25 -18.16 8.27
CA TRP A 100 -12.74 -19.53 8.27
C TRP A 100 -12.45 -20.18 9.63
N ALA A 101 -11.23 -20.02 10.13
CA ALA A 101 -10.82 -20.61 11.40
C ALA A 101 -11.67 -20.09 12.56
N ILE A 102 -11.95 -18.78 12.55
CA ILE A 102 -12.75 -18.17 13.59
C ILE A 102 -14.14 -18.78 13.60
N ARG A 103 -14.67 -18.98 12.40
CA ARG A 103 -16.00 -19.55 12.24
C ARG A 103 -16.11 -21.00 12.71
N ILE A 104 -15.19 -21.86 12.29
CA ILE A 104 -15.24 -23.25 12.70
C ILE A 104 -15.03 -23.43 14.21
N ILE A 105 -14.19 -22.58 14.79
CA ILE A 105 -13.92 -22.67 16.22
C ILE A 105 -15.13 -22.28 17.06
N ARG A 106 -15.87 -21.29 16.58
CA ARG A 106 -17.08 -20.85 17.27
C ARG A 106 -18.09 -22.00 17.22
N GLU A 107 -18.20 -22.61 16.05
CA GLU A 107 -19.11 -23.72 15.86
C GLU A 107 -18.68 -24.90 16.72
N LEU A 108 -17.39 -25.19 16.77
CA LEU A 108 -16.92 -26.30 17.56
C LEU A 108 -17.21 -26.03 19.04
N GLU A 109 -16.99 -24.81 19.48
CA GLU A 109 -17.24 -24.44 20.87
C GLU A 109 -18.68 -24.73 21.26
N GLU A 110 -19.62 -24.19 20.48
CA GLU A 110 -21.03 -24.40 20.74
C GLU A 110 -21.33 -25.90 20.72
N ARG A 111 -20.76 -26.61 19.76
CA ARG A 111 -20.98 -28.04 19.66
C ARG A 111 -20.49 -28.81 20.90
N TYR A 112 -19.26 -28.56 21.33
CA TYR A 112 -18.71 -29.26 22.48
C TYR A 112 -19.25 -28.85 23.85
N VAL A 113 -19.59 -27.57 24.02
CA VAL A 113 -20.16 -27.13 25.28
C VAL A 113 -21.47 -27.90 25.49
N GLU A 114 -22.28 -28.01 24.44
CA GLU A 114 -23.55 -28.73 24.54
C GLU A 114 -23.34 -30.19 24.93
N ARG A 115 -22.47 -30.89 24.21
CA ARG A 115 -22.21 -32.30 24.52
C ARG A 115 -21.78 -32.49 25.96
N ILE A 116 -20.87 -31.63 26.43
CA ILE A 116 -20.36 -31.73 27.79
C ILE A 116 -21.45 -31.36 28.79
N ARG A 117 -22.08 -30.20 28.58
CA ARG A 117 -23.14 -29.74 29.46
C ARG A 117 -24.19 -30.82 29.63
N TYR A 118 -24.42 -31.57 28.56
CA TYR A 118 -25.45 -32.59 28.54
C TYR A 118 -25.00 -34.02 28.92
N SER A 119 -23.76 -34.17 29.38
CA SER A 119 -23.24 -35.50 29.74
C SER A 119 -23.20 -35.75 31.25
N ASN A 120 -23.05 -37.02 31.62
CA ASN A 120 -22.96 -37.42 33.03
C ASN A 120 -21.89 -38.48 33.24
N ASP A 121 -21.17 -38.79 32.17
CA ASP A 121 -20.11 -39.78 32.21
C ASP A 121 -18.76 -39.07 32.28
N PRO A 122 -18.18 -38.96 33.48
CA PRO A 122 -16.88 -38.30 33.68
C PRO A 122 -15.90 -38.65 32.57
N ASN A 123 -15.86 -39.92 32.20
CA ASN A 123 -14.97 -40.38 31.13
C ASN A 123 -15.20 -39.57 29.86
N GLU A 124 -16.48 -39.47 29.49
CA GLU A 124 -16.89 -38.75 28.31
C GLU A 124 -16.66 -37.25 28.44
N ILE A 125 -17.04 -36.69 29.57
CA ILE A 125 -16.84 -35.27 29.81
C ILE A 125 -15.39 -34.91 29.51
N ALA A 126 -14.49 -35.71 30.06
CA ALA A 126 -13.07 -35.48 29.86
C ALA A 126 -12.69 -35.63 28.39
N GLU A 127 -13.06 -36.76 27.80
CA GLU A 127 -12.75 -37.05 26.41
C GLU A 127 -13.23 -35.96 25.46
N LEU A 128 -14.37 -35.36 25.77
CA LEU A 128 -14.92 -34.30 24.93
C LEU A 128 -14.04 -33.04 24.99
N ARG A 129 -13.56 -32.64 26.16
CA ARG A 129 -12.69 -31.46 26.22
C ARG A 129 -11.43 -31.77 25.41
N ARG A 130 -10.90 -32.98 25.63
CA ARG A 130 -9.69 -33.41 24.96
C ARG A 130 -9.88 -33.36 23.44
N GLN A 131 -11.06 -33.77 22.96
CA GLN A 131 -11.32 -33.74 21.53
C GLN A 131 -11.34 -32.32 20.99
N PHE A 132 -12.00 -31.43 21.73
CA PHE A 132 -12.11 -30.03 21.32
C PHE A 132 -10.70 -29.44 21.18
N TYR A 133 -9.88 -29.60 22.24
CA TYR A 133 -8.51 -29.11 22.20
C TYR A 133 -7.85 -29.65 20.92
N GLY A 134 -7.97 -30.96 20.71
CA GLY A 134 -7.39 -31.57 19.54
C GLY A 134 -7.82 -30.90 18.25
N ARG A 135 -9.12 -30.64 18.13
CA ARG A 135 -9.64 -30.00 16.92
C ARG A 135 -9.25 -28.54 16.78
N VAL A 136 -9.14 -27.81 17.90
CA VAL A 136 -8.76 -26.41 17.80
C VAL A 136 -7.33 -26.34 17.31
N ALA A 137 -6.46 -27.14 17.92
CA ALA A 137 -5.06 -27.16 17.51
C ALA A 137 -4.94 -27.48 16.03
N SER A 138 -5.75 -28.42 15.56
CA SER A 138 -5.74 -28.83 14.16
C SER A 138 -6.23 -27.72 13.21
N VAL A 139 -7.32 -27.05 13.58
CA VAL A 139 -7.83 -25.96 12.74
C VAL A 139 -6.74 -24.91 12.61
N LEU A 140 -6.08 -24.57 13.72
CA LEU A 140 -5.02 -23.55 13.68
C LEU A 140 -3.82 -24.01 12.86
N ARG A 141 -3.51 -25.30 12.91
CA ARG A 141 -2.39 -25.79 12.12
C ARG A 141 -2.77 -25.78 10.65
N ASP A 142 -4.07 -25.91 10.36
CA ASP A 142 -4.48 -25.86 8.97
C ASP A 142 -4.13 -24.49 8.36
N ILE A 143 -4.17 -23.43 9.17
CA ILE A 143 -3.86 -22.09 8.66
C ILE A 143 -2.51 -21.51 9.09
N ASP A 144 -1.66 -22.33 9.72
CA ASP A 144 -0.35 -21.87 10.20
C ASP A 144 0.49 -21.21 9.07
N ASP A 145 0.55 -21.87 7.91
CA ASP A 145 1.31 -21.30 6.80
C ASP A 145 0.73 -19.92 6.44
N ARG A 146 -0.59 -19.83 6.41
CA ARG A 146 -1.22 -18.54 6.11
C ARG A 146 -0.86 -17.49 7.18
N LEU A 147 -0.83 -17.88 8.45
CA LEU A 147 -0.49 -16.93 9.49
C LEU A 147 0.96 -16.49 9.33
N ARG A 148 1.82 -17.45 9.05
CA ARG A 148 3.22 -17.15 8.88
C ARG A 148 3.41 -16.21 7.70
N TYR A 149 2.70 -16.47 6.61
CA TYR A 149 2.78 -15.59 5.44
C TYR A 149 2.27 -14.18 5.80
N LEU A 150 1.16 -14.08 6.52
CA LEU A 150 0.63 -12.77 6.88
C LEU A 150 1.62 -11.96 7.71
N ASN A 151 2.44 -12.65 8.49
CA ASN A 151 3.39 -11.94 9.32
C ASN A 151 4.54 -11.39 8.49
N LYS A 152 4.88 -12.10 7.41
CA LYS A 152 5.96 -11.69 6.50
C LYS A 152 5.44 -10.59 5.55
N ALA A 153 4.18 -10.71 5.13
CA ALA A 153 3.62 -9.70 4.24
C ALA A 153 3.56 -8.39 5.04
N ARG A 154 3.35 -8.53 6.35
CA ARG A 154 3.25 -7.40 7.25
C ARG A 154 4.54 -6.60 7.29
N GLU A 155 5.66 -7.31 7.37
CA GLU A 155 6.96 -6.68 7.42
C GLU A 155 7.29 -6.02 6.09
N VAL A 156 6.99 -6.71 4.99
CA VAL A 156 7.26 -6.20 3.65
C VAL A 156 6.46 -4.95 3.32
N LEU A 157 5.22 -4.90 3.81
CA LEU A 157 4.35 -3.79 3.51
C LEU A 157 4.77 -2.47 4.14
N LYS A 158 5.71 -2.54 5.08
CA LYS A 158 6.22 -1.36 5.75
C LYS A 158 6.95 -0.49 4.72
N ASP A 159 7.39 -1.10 3.63
CA ASP A 159 8.10 -0.35 2.58
C ASP A 159 7.20 0.30 1.54
N LEU A 160 5.91 0.44 1.83
CA LEU A 160 5.05 1.09 0.85
C LEU A 160 5.50 2.53 0.73
N PRO A 161 5.46 3.08 -0.49
CA PRO A 161 5.87 4.47 -0.69
C PRO A 161 5.03 5.39 0.19
N VAL A 162 5.68 6.18 1.04
CA VAL A 162 4.98 7.14 1.91
C VAL A 162 4.76 8.44 1.12
N VAL A 163 3.58 8.58 0.51
CA VAL A 163 3.24 9.77 -0.27
C VAL A 163 1.79 10.19 -0.11
N ASP A 164 1.49 11.43 -0.46
CA ASP A 164 0.15 11.95 -0.34
C ASP A 164 -0.69 11.42 -1.46
N LEU A 165 -1.82 10.82 -1.13
CA LEU A 165 -2.68 10.26 -2.16
C LEU A 165 -3.93 11.06 -2.51
N GLU A 166 -4.11 12.22 -1.90
CA GLU A 166 -5.29 13.03 -2.22
C GLU A 166 -4.96 14.20 -3.12
N ILE A 167 -3.95 14.98 -2.74
CA ILE A 167 -3.62 16.16 -3.51
C ILE A 167 -3.03 15.89 -4.91
N PRO A 168 -3.23 16.83 -5.84
CA PRO A 168 -2.72 16.65 -7.21
C PRO A 168 -1.22 16.35 -7.18
N THR A 169 -0.79 15.38 -7.97
CA THR A 169 0.63 15.04 -8.02
C THR A 169 1.20 15.18 -9.41
N VAL A 170 2.41 15.73 -9.48
CA VAL A 170 3.14 15.88 -10.72
C VAL A 170 4.23 14.80 -10.71
N VAL A 171 4.32 14.05 -11.80
CA VAL A 171 5.29 12.98 -11.95
C VAL A 171 6.32 13.40 -13.01
N ILE A 172 7.58 13.53 -12.60
CA ILE A 172 8.66 13.93 -13.50
C ILE A 172 9.41 12.72 -14.09
N ALA A 173 9.39 12.63 -15.43
CA ALA A 173 10.03 11.51 -16.15
C ALA A 173 11.19 11.95 -17.08
N GLY A 174 11.92 10.97 -17.61
CA GLY A 174 13.02 11.26 -18.49
C GLY A 174 14.21 10.41 -18.14
N HIS A 175 15.16 10.29 -19.07
CA HIS A 175 16.37 9.50 -18.86
C HIS A 175 17.16 9.94 -17.65
N PRO A 176 18.16 9.15 -17.26
CA PRO A 176 18.97 9.51 -16.11
C PRO A 176 19.79 10.74 -16.46
N ASN A 177 20.02 11.59 -15.48
CA ASN A 177 20.81 12.80 -15.64
C ASN A 177 20.21 13.89 -16.51
N VAL A 178 18.90 13.85 -16.78
CA VAL A 178 18.35 14.92 -17.60
C VAL A 178 17.92 16.13 -16.77
N GLY A 179 17.93 15.98 -15.45
CA GLY A 179 17.55 17.07 -14.57
C GLY A 179 16.27 16.91 -13.78
N LYS A 180 15.76 15.68 -13.70
CA LYS A 180 14.53 15.41 -12.98
C LYS A 180 14.55 15.93 -11.55
N SER A 181 15.52 15.49 -10.74
CA SER A 181 15.59 15.93 -9.34
C SER A 181 15.95 17.40 -9.21
N THR A 182 16.75 17.91 -10.13
CA THR A 182 17.13 19.32 -10.11
C THR A 182 15.86 20.12 -10.27
N LEU A 183 14.99 19.67 -11.16
CA LEU A 183 13.72 20.35 -11.39
C LEU A 183 12.77 20.21 -10.21
N LEU A 184 12.73 19.03 -9.61
CA LEU A 184 11.85 18.82 -8.47
C LEU A 184 12.26 19.74 -7.33
N LYS A 185 13.55 19.88 -7.10
CA LYS A 185 14.05 20.73 -6.02
C LYS A 185 13.84 22.21 -6.28
N ALA A 186 13.85 22.61 -7.55
CA ALA A 186 13.65 24.01 -7.91
C ALA A 186 12.16 24.32 -7.81
N LEU A 187 11.36 23.27 -7.97
CA LEU A 187 9.91 23.40 -7.94
C LEU A 187 9.34 23.36 -6.52
N THR A 188 9.95 22.59 -5.63
CA THR A 188 9.40 22.50 -4.29
C THR A 188 9.90 23.53 -3.30
N THR A 189 9.09 23.73 -2.26
CA THR A 189 9.39 24.68 -1.20
C THR A 189 10.30 24.02 -0.16
N ALA A 190 9.73 23.18 0.68
CA ALA A 190 10.52 22.50 1.70
C ALA A 190 11.49 21.56 1.01
N LYS A 191 12.48 21.06 1.75
CA LYS A 191 13.43 20.14 1.13
C LYS A 191 12.70 18.85 0.77
N PRO A 192 13.13 18.20 -0.30
CA PRO A 192 12.49 16.96 -0.72
C PRO A 192 12.72 15.85 0.28
N GLU A 193 11.84 14.87 0.29
CA GLU A 193 11.98 13.72 1.16
C GLU A 193 12.19 12.51 0.25
N ILE A 194 12.46 11.35 0.81
CA ILE A 194 12.67 10.19 -0.03
C ILE A 194 11.66 9.11 0.29
N ALA A 195 10.88 8.72 -0.70
CA ALA A 195 9.90 7.66 -0.53
C ALA A 195 10.47 6.36 -1.04
N SER A 196 10.16 5.27 -0.36
CA SER A 196 10.62 3.97 -0.79
C SER A 196 9.77 3.57 -1.96
N TYR A 197 10.35 2.89 -2.94
CA TYR A 197 9.53 2.47 -4.06
C TYR A 197 10.01 1.13 -4.60
N PRO A 198 9.08 0.18 -4.78
CA PRO A 198 9.42 -1.16 -5.29
C PRO A 198 10.25 -1.10 -6.56
N PHE A 199 11.33 -1.89 -6.62
CA PHE A 199 12.21 -1.97 -7.78
C PHE A 199 13.10 -0.74 -8.03
N THR A 200 13.33 0.05 -7.01
CA THR A 200 14.21 1.20 -7.18
C THR A 200 15.37 0.98 -6.23
N THR A 201 16.50 1.55 -6.61
CA THR A 201 17.72 1.44 -5.83
C THR A 201 17.63 2.25 -4.55
N ARG A 202 17.47 3.57 -4.69
CA ARG A 202 17.43 4.45 -3.53
C ARG A 202 16.11 5.21 -3.36
N GLY A 203 15.03 4.71 -3.95
CA GLY A 203 13.75 5.38 -3.81
C GLY A 203 13.56 6.61 -4.68
N ILE A 204 12.52 7.38 -4.39
CA ILE A 204 12.24 8.57 -5.17
C ILE A 204 12.05 9.83 -4.34
N ASN A 205 12.38 10.97 -4.93
CA ASN A 205 12.23 12.24 -4.26
C ASN A 205 10.78 12.65 -4.27
N VAL A 206 10.32 13.20 -3.15
CA VAL A 206 8.95 13.64 -3.02
C VAL A 206 8.96 15.04 -2.46
N GLY A 207 8.35 15.97 -3.19
CA GLY A 207 8.31 17.33 -2.70
C GLY A 207 6.92 17.89 -2.76
N GLN A 208 6.81 19.16 -2.38
CA GLN A 208 5.55 19.85 -2.37
C GLN A 208 5.77 21.34 -2.52
N PHE A 209 4.86 21.99 -3.22
CA PHE A 209 4.94 23.44 -3.32
C PHE A 209 3.51 23.93 -3.14
N GLU A 210 3.37 25.02 -2.40
CA GLU A 210 2.07 25.56 -2.12
C GLU A 210 1.74 26.79 -2.95
N ASP A 211 0.52 26.87 -3.43
CA ASP A 211 0.07 28.05 -4.16
C ASP A 211 -1.27 28.40 -3.56
N GLY A 212 -1.33 29.58 -2.94
CA GLY A 212 -2.56 29.98 -2.28
C GLY A 212 -2.59 29.06 -1.06
N TYR A 213 -3.68 28.33 -0.87
CA TYR A 213 -3.73 27.39 0.25
C TYR A 213 -3.80 25.97 -0.29
N PHE A 214 -3.48 25.81 -1.58
CA PHE A 214 -3.49 24.51 -2.22
C PHE A 214 -2.08 23.93 -2.27
N ARG A 215 -1.98 22.62 -2.10
CA ARG A 215 -0.70 21.95 -2.13
C ARG A 215 -0.59 21.08 -3.37
N TYR A 216 0.61 21.07 -3.96
CA TYR A 216 0.87 20.24 -5.14
C TYR A 216 2.03 19.34 -4.84
N GLN A 217 1.84 18.05 -5.05
CA GLN A 217 2.90 17.10 -4.79
C GLN A 217 3.77 16.87 -6.05
N ILE A 218 5.08 16.81 -5.87
CA ILE A 218 6.01 16.60 -6.97
C ILE A 218 6.91 15.39 -6.69
N ILE A 219 6.99 14.45 -7.63
CA ILE A 219 7.86 13.29 -7.46
C ILE A 219 8.65 13.05 -8.74
N ASP A 220 9.84 12.48 -8.60
CA ASP A 220 10.62 12.13 -9.80
C ASP A 220 10.61 10.61 -9.90
N THR A 221 11.04 10.08 -11.03
CA THR A 221 10.96 8.65 -11.22
C THR A 221 12.23 7.88 -11.54
N PRO A 222 13.33 8.20 -10.84
CA PRO A 222 14.55 7.45 -11.18
C PRO A 222 14.32 5.95 -11.01
N GLY A 223 14.81 5.17 -11.96
CA GLY A 223 14.63 3.73 -11.88
C GLY A 223 13.26 3.26 -12.29
N LEU A 224 12.37 4.18 -12.62
CA LEU A 224 11.01 3.82 -13.01
C LEU A 224 10.63 4.32 -14.41
N LEU A 225 10.75 5.62 -14.65
CA LEU A 225 10.39 6.15 -15.95
C LEU A 225 11.58 6.75 -16.66
N ASP A 226 12.74 6.15 -16.42
CA ASP A 226 14.00 6.60 -17.00
C ASP A 226 14.64 5.52 -17.86
N ARG A 227 13.82 4.55 -18.27
CA ARG A 227 14.31 3.47 -19.11
C ARG A 227 13.16 2.70 -19.74
N PRO A 228 13.40 2.04 -20.87
CA PRO A 228 12.37 1.27 -21.57
C PRO A 228 11.55 0.41 -20.60
N ILE A 229 10.24 0.58 -20.63
CA ILE A 229 9.34 -0.17 -19.77
C ILE A 229 9.24 -1.59 -20.30
N SER A 230 9.26 -1.71 -21.63
CA SER A 230 9.18 -3.01 -22.31
C SER A 230 10.24 -3.99 -21.85
N GLU A 231 11.47 -3.51 -21.67
CA GLU A 231 12.58 -4.35 -21.23
C GLU A 231 12.44 -4.71 -19.75
N ARG A 232 11.20 -4.85 -19.29
CA ARG A 232 10.93 -5.15 -17.87
C ARG A 232 10.03 -6.34 -17.57
N ASN A 233 10.22 -6.92 -16.38
CA ASN A 233 9.43 -8.04 -15.89
C ASN A 233 7.99 -7.54 -15.80
N GLU A 234 7.03 -8.45 -15.87
CA GLU A 234 5.63 -8.03 -15.79
C GLU A 234 5.31 -7.44 -14.42
N ILE A 235 6.08 -7.82 -13.41
CA ILE A 235 5.86 -7.32 -12.07
C ILE A 235 6.40 -5.89 -11.88
N GLU A 236 7.67 -5.66 -12.17
CA GLU A 236 8.24 -4.32 -12.02
C GLU A 236 7.50 -3.39 -12.95
N LYS A 237 6.94 -3.96 -14.00
CA LYS A 237 6.16 -3.21 -14.97
C LYS A 237 4.87 -2.74 -14.28
N GLN A 238 4.29 -3.63 -13.48
CA GLN A 238 3.06 -3.32 -12.77
C GLN A 238 3.36 -2.23 -11.72
N ALA A 239 4.54 -2.30 -11.11
CA ALA A 239 4.97 -1.34 -10.10
C ALA A 239 5.16 0.05 -10.69
N ILE A 240 5.67 0.08 -11.92
CA ILE A 240 5.92 1.32 -12.64
C ILE A 240 4.60 1.90 -13.10
N LEU A 241 3.78 1.07 -13.71
CA LEU A 241 2.49 1.52 -14.21
C LEU A 241 1.51 1.94 -13.11
N ALA A 242 1.84 1.60 -11.88
CA ALA A 242 0.99 1.98 -10.75
C ALA A 242 0.93 3.51 -10.66
N LEU A 243 1.96 4.18 -11.17
CA LEU A 243 2.02 5.65 -11.15
C LEU A 243 0.79 6.28 -11.82
N ARG A 244 0.08 5.49 -12.64
CA ARG A 244 -1.14 5.95 -13.32
C ARG A 244 -2.18 6.38 -12.29
N TYR A 245 -2.16 5.71 -11.14
CA TYR A 245 -3.12 5.99 -10.07
C TYR A 245 -2.70 7.06 -9.08
N LEU A 246 -1.46 7.52 -9.18
CA LEU A 246 -0.93 8.56 -8.31
C LEU A 246 -0.82 9.89 -9.05
N GLY A 247 -0.14 9.86 -10.20
CA GLY A 247 0.05 11.07 -11.00
C GLY A 247 -1.16 11.67 -11.66
N ASN A 248 -1.22 13.00 -11.68
CA ASN A 248 -2.34 13.71 -12.30
C ASN A 248 -1.80 14.53 -13.46
N LEU A 249 -0.48 14.57 -13.55
CA LEU A 249 0.23 15.31 -14.60
C LEU A 249 1.64 14.76 -14.72
N ILE A 250 2.08 14.55 -15.95
CA ILE A 250 3.41 14.06 -16.18
C ILE A 250 4.25 15.09 -16.88
N ILE A 251 5.40 15.43 -16.29
CA ILE A 251 6.35 16.37 -16.87
C ILE A 251 7.45 15.52 -17.47
N TYR A 252 7.67 15.64 -18.77
CA TYR A 252 8.72 14.86 -19.41
C TYR A 252 9.85 15.78 -19.82
N ILE A 253 11.03 15.53 -19.25
CA ILE A 253 12.19 16.35 -19.56
C ILE A 253 13.12 15.74 -20.60
N PHE A 254 13.43 16.53 -21.62
CA PHE A 254 14.37 16.16 -22.68
C PHE A 254 15.65 16.95 -22.40
N ASP A 255 16.80 16.41 -22.78
CA ASP A 255 18.08 17.10 -22.62
C ASP A 255 18.71 17.19 -24.02
N PRO A 256 18.40 18.26 -24.76
CA PRO A 256 18.93 18.44 -26.12
C PRO A 256 20.46 18.46 -26.24
N SER A 257 21.15 18.72 -25.15
CA SER A 257 22.61 18.77 -25.14
C SER A 257 23.21 17.36 -25.20
N GLU A 258 22.43 16.38 -24.75
CA GLU A 258 22.84 14.99 -24.70
C GLU A 258 23.93 14.78 -23.65
N HIS A 259 24.16 15.78 -22.81
CA HIS A 259 25.17 15.63 -21.77
C HIS A 259 24.73 14.59 -20.77
N CYS A 260 23.42 14.32 -20.73
CA CYS A 260 22.90 13.28 -19.85
C CYS A 260 23.49 11.91 -20.23
N GLY A 261 23.98 11.81 -21.48
CA GLY A 261 24.57 10.58 -21.95
C GLY A 261 23.60 9.73 -22.79
N PHE A 262 22.64 10.39 -23.41
CA PHE A 262 21.66 9.68 -24.23
C PHE A 262 21.34 10.55 -25.40
N PRO A 263 21.54 10.02 -26.62
CA PRO A 263 21.26 10.73 -27.87
C PRO A 263 19.82 11.20 -27.89
N LEU A 264 19.56 12.30 -28.58
CA LEU A 264 18.21 12.82 -28.70
C LEU A 264 17.22 11.78 -29.20
N GLU A 265 17.61 10.95 -30.17
CA GLU A 265 16.71 9.92 -30.71
C GLU A 265 16.28 8.91 -29.64
N GLU A 266 17.20 8.52 -28.76
CA GLU A 266 16.88 7.58 -27.70
C GLU A 266 15.92 8.22 -26.68
N GLN A 267 16.08 9.51 -26.42
CA GLN A 267 15.21 10.19 -25.49
C GLN A 267 13.83 10.24 -26.11
N ILE A 268 13.74 10.44 -27.41
CA ILE A 268 12.43 10.47 -28.07
C ILE A 268 11.77 9.08 -27.99
N HIS A 269 12.54 8.02 -28.18
CA HIS A 269 11.92 6.71 -28.11
C HIS A 269 11.31 6.51 -26.74
N LEU A 270 12.04 6.89 -25.70
CA LEU A 270 11.55 6.73 -24.35
C LEU A 270 10.30 7.56 -24.14
N PHE A 271 10.34 8.81 -24.60
CA PHE A 271 9.18 9.67 -24.45
C PHE A 271 7.94 9.00 -25.04
N GLU A 272 8.09 8.43 -26.23
CA GLU A 272 6.96 7.79 -26.91
C GLU A 272 6.44 6.56 -26.15
N GLU A 273 7.35 5.79 -25.59
CA GLU A 273 6.95 4.62 -24.82
C GLU A 273 6.23 5.06 -23.53
N VAL A 274 6.72 6.12 -22.89
CA VAL A 274 6.11 6.61 -21.66
C VAL A 274 4.79 7.33 -21.94
N HIS A 275 4.77 8.10 -23.03
CA HIS A 275 3.58 8.86 -23.44
C HIS A 275 2.43 7.92 -23.76
N GLY A 276 2.79 6.73 -24.22
CA GLY A 276 1.81 5.72 -24.58
C GLY A 276 1.30 4.93 -23.40
N GLU A 277 2.14 4.71 -22.39
CA GLU A 277 1.74 3.95 -21.22
C GLU A 277 0.79 4.75 -20.32
N PHE A 278 0.82 6.07 -20.46
CA PHE A 278 -0.02 6.93 -19.64
C PHE A 278 -0.94 7.81 -20.49
N LYS A 279 -1.72 7.20 -21.37
CA LYS A 279 -2.63 7.92 -22.26
C LYS A 279 -3.71 8.77 -21.60
N ASP A 280 -4.06 8.46 -20.35
CA ASP A 280 -5.10 9.22 -19.65
C ASP A 280 -4.62 10.34 -18.73
N LEU A 281 -3.33 10.66 -18.79
CA LEU A 281 -2.82 11.76 -17.98
C LEU A 281 -2.24 12.83 -18.89
N PRO A 282 -2.48 14.10 -18.55
CA PRO A 282 -1.93 15.19 -19.37
C PRO A 282 -0.40 15.23 -19.23
N PHE A 283 0.26 15.67 -20.31
CA PHE A 283 1.72 15.80 -20.36
C PHE A 283 2.17 17.24 -20.55
N LEU A 284 3.33 17.55 -19.97
CA LEU A 284 3.94 18.86 -20.06
C LEU A 284 5.39 18.57 -20.41
N VAL A 285 5.76 18.85 -21.65
CA VAL A 285 7.12 18.62 -22.11
C VAL A 285 8.01 19.81 -21.78
N VAL A 286 9.14 19.53 -21.18
CA VAL A 286 10.09 20.56 -20.82
C VAL A 286 11.40 20.24 -21.54
N ILE A 287 12.01 21.25 -22.15
CA ILE A 287 13.29 21.08 -22.83
C ILE A 287 14.33 21.75 -21.92
N ASN A 288 15.07 20.92 -21.17
CA ASN A 288 16.06 21.40 -20.20
C ASN A 288 17.44 21.65 -20.76
N LYS A 289 18.35 22.10 -19.91
CA LYS A 289 19.73 22.40 -20.32
C LYS A 289 19.80 23.44 -21.47
N ILE A 290 18.88 24.39 -21.53
CA ILE A 290 18.94 25.37 -22.60
C ILE A 290 20.18 26.28 -22.47
N ASP A 291 20.75 26.33 -21.27
CA ASP A 291 21.93 27.17 -21.00
C ASP A 291 23.22 26.60 -21.59
N VAL A 292 23.20 25.33 -21.98
CA VAL A 292 24.38 24.68 -22.54
C VAL A 292 24.04 23.90 -23.81
N ALA A 293 22.77 23.89 -24.16
CA ALA A 293 22.32 23.16 -25.35
C ALA A 293 22.64 23.88 -26.65
N ASP A 294 22.78 23.10 -27.73
CA ASP A 294 23.07 23.63 -29.05
C ASP A 294 21.77 23.82 -29.81
N GLU A 295 21.57 25.03 -30.35
CA GLU A 295 20.37 25.35 -31.11
C GLU A 295 19.97 24.28 -32.12
N GLU A 296 20.96 23.56 -32.65
CA GLU A 296 20.68 22.53 -33.63
C GLU A 296 19.65 21.51 -33.18
N ASN A 297 19.96 20.80 -32.10
CA ASN A 297 19.03 19.78 -31.59
C ASN A 297 17.70 20.37 -31.13
N ILE A 298 17.76 21.46 -30.37
CA ILE A 298 16.56 22.12 -29.86
C ILE A 298 15.50 22.35 -30.95
N LYS A 299 15.95 22.55 -32.19
CA LYS A 299 15.04 22.77 -33.30
C LYS A 299 14.33 21.46 -33.61
N ARG A 300 15.08 20.37 -33.64
CA ARG A 300 14.53 19.06 -33.90
C ARG A 300 13.53 18.69 -32.81
N LEU A 301 13.90 18.97 -31.56
CA LEU A 301 13.03 18.67 -30.45
C LEU A 301 11.71 19.41 -30.52
N GLU A 302 11.75 20.74 -30.53
CA GLU A 302 10.52 21.52 -30.61
C GLU A 302 9.66 21.03 -31.77
N LYS A 303 10.31 20.79 -32.91
CA LYS A 303 9.61 20.32 -34.10
C LYS A 303 8.87 19.06 -33.72
N PHE A 304 9.63 18.03 -33.36
CA PHE A 304 9.06 16.75 -32.94
C PHE A 304 7.93 16.89 -31.94
N VAL A 305 8.18 17.68 -30.89
CA VAL A 305 7.21 17.89 -29.83
C VAL A 305 5.91 18.49 -30.34
N LYS A 306 6.01 19.64 -31.00
CA LYS A 306 4.81 20.28 -31.51
C LYS A 306 4.05 19.36 -32.45
N GLU A 307 4.75 18.44 -33.10
CA GLU A 307 4.11 17.51 -34.00
C GLU A 307 3.25 16.50 -33.26
N LYS A 308 3.49 16.35 -31.95
CA LYS A 308 2.71 15.42 -31.14
C LYS A 308 1.56 16.18 -30.49
N GLY A 309 1.44 17.45 -30.81
CA GLY A 309 0.37 18.27 -30.26
C GLY A 309 0.69 18.87 -28.90
N LEU A 310 1.97 18.96 -28.57
CA LEU A 310 2.39 19.50 -27.28
C LEU A 310 3.21 20.77 -27.46
N ASN A 311 2.95 21.74 -26.59
CA ASN A 311 3.66 23.00 -26.60
C ASN A 311 4.65 22.94 -25.44
N PRO A 312 5.92 22.67 -25.75
CA PRO A 312 6.99 22.57 -24.76
C PRO A 312 7.42 23.89 -24.14
N ILE A 313 8.05 23.79 -22.98
CA ILE A 313 8.56 24.94 -22.27
C ILE A 313 10.07 24.80 -22.18
N LYS A 314 10.80 25.79 -22.69
CA LYS A 314 12.25 25.77 -22.65
C LYS A 314 12.70 26.22 -21.25
N ILE A 315 13.66 25.52 -20.65
CA ILE A 315 14.12 25.87 -19.30
C ILE A 315 15.56 25.47 -18.98
N SER A 316 16.00 25.85 -17.79
CA SER A 316 17.31 25.51 -17.27
C SER A 316 17.09 25.28 -15.78
N ALA A 317 16.84 24.02 -15.41
CA ALA A 317 16.59 23.68 -14.02
C ALA A 317 17.71 24.16 -13.10
N LEU A 318 18.93 24.14 -13.59
CA LEU A 318 20.08 24.55 -12.78
C LEU A 318 20.08 26.05 -12.49
N LYS A 319 19.83 26.87 -13.51
CA LYS A 319 19.86 28.31 -13.32
C LYS A 319 18.52 28.99 -13.07
N GLY A 320 17.44 28.23 -12.97
CA GLY A 320 16.15 28.85 -12.70
C GLY A 320 15.47 29.49 -13.90
N THR A 321 16.13 29.43 -15.05
CA THR A 321 15.57 30.01 -16.27
C THR A 321 14.32 29.21 -16.67
N GLY A 322 13.14 29.81 -16.57
CA GLY A 322 11.93 29.11 -16.96
C GLY A 322 11.16 28.32 -15.90
N ILE A 323 11.79 28.07 -14.75
CA ILE A 323 11.14 27.32 -13.68
C ILE A 323 9.77 27.88 -13.35
N ASP A 324 9.67 29.20 -13.32
CA ASP A 324 8.40 29.86 -13.02
C ASP A 324 7.38 29.59 -14.12
N LEU A 325 7.85 29.37 -15.34
CA LEU A 325 6.91 29.08 -16.41
C LEU A 325 6.33 27.68 -16.15
N VAL A 326 7.15 26.79 -15.59
CA VAL A 326 6.69 25.42 -15.31
C VAL A 326 5.69 25.42 -14.15
N LYS A 327 6.05 26.12 -13.07
CA LYS A 327 5.20 26.20 -11.89
C LYS A 327 3.85 26.76 -12.31
N GLU A 328 3.91 27.83 -13.11
CA GLU A 328 2.71 28.48 -13.60
C GLU A 328 1.85 27.46 -14.33
N GLU A 329 2.47 26.75 -15.27
CA GLU A 329 1.76 25.77 -16.08
C GLU A 329 1.21 24.61 -15.22
N ILE A 330 1.92 24.26 -14.15
CA ILE A 330 1.47 23.18 -13.26
C ILE A 330 0.18 23.62 -12.62
N ILE A 331 0.21 24.82 -12.05
CA ILE A 331 -0.93 25.41 -11.39
C ILE A 331 -2.13 25.52 -12.30
N LYS A 332 -1.92 25.97 -13.54
CA LYS A 332 -3.03 26.10 -14.47
C LYS A 332 -3.66 24.76 -14.80
N THR A 333 -2.83 23.73 -14.83
CA THR A 333 -3.29 22.38 -15.16
C THR A 333 -3.96 21.68 -14.00
N LEU A 334 -3.43 21.87 -12.80
CA LEU A 334 -3.94 21.16 -11.65
C LEU A 334 -4.81 21.90 -10.62
N ARG A 335 -4.92 23.22 -10.72
CA ARG A 335 -5.74 23.97 -9.74
C ARG A 335 -7.19 23.46 -9.71
N PRO A 336 -7.78 23.15 -10.89
CA PRO A 336 -9.16 22.67 -10.83
C PRO A 336 -9.27 21.40 -10.00
N LEU A 337 -8.41 20.42 -10.29
CA LEU A 337 -8.43 19.17 -9.54
C LEU A 337 -8.21 19.44 -8.05
N ALA A 338 -7.37 20.42 -7.74
CA ALA A 338 -7.08 20.75 -6.36
C ALA A 338 -8.33 21.27 -5.64
N GLU A 339 -9.13 22.07 -6.34
CA GLU A 339 -10.36 22.62 -5.77
C GLU A 339 -11.38 21.50 -5.60
N LYS A 340 -11.46 20.62 -6.60
CA LYS A 340 -12.38 19.49 -6.56
C LYS A 340 -12.03 18.55 -5.41
N VAL A 341 -10.73 18.32 -5.20
CA VAL A 341 -10.28 17.45 -4.12
C VAL A 341 -10.67 18.09 -2.79
N ALA A 342 -10.40 19.37 -2.66
CA ALA A 342 -10.72 20.11 -1.45
C ALA A 342 -12.22 19.98 -1.11
N ARG A 343 -13.08 20.23 -2.10
CA ARG A 343 -14.53 20.14 -1.90
C ARG A 343 -14.90 18.75 -1.41
N GLU A 344 -14.51 17.75 -2.17
CA GLU A 344 -14.81 16.37 -1.83
C GLU A 344 -14.34 16.00 -0.42
N LYS A 345 -13.35 16.73 0.10
CA LYS A 345 -12.88 16.45 1.44
C LYS A 345 -13.87 16.99 2.47
N ILE A 346 -14.43 18.16 2.18
CA ILE A 346 -15.42 18.78 3.06
C ILE A 346 -16.72 17.98 2.95
N GLU A 347 -16.91 17.33 1.81
CA GLU A 347 -18.09 16.52 1.59
C GLU A 347 -18.04 15.26 2.43
N ARG A 348 -17.05 14.40 2.16
CA ARG A 348 -16.90 13.15 2.91
C ARG A 348 -17.10 13.35 4.40
N GLU A 349 -16.49 14.40 4.93
CA GLU A 349 -16.59 14.67 6.36
C GLU A 349 -17.98 15.11 6.81
N LEU A 350 -18.58 16.07 6.13
CA LEU A 350 -19.93 16.51 6.48
C LEU A 350 -20.87 15.30 6.57
N ARG A 351 -20.53 14.24 5.85
CA ARG A 351 -21.34 13.03 5.83
C ARG A 351 -21.14 12.12 7.04
N ARG A 352 -20.20 12.46 7.90
CA ARG A 352 -19.98 11.67 9.09
C ARG A 352 -20.01 12.57 10.32
N TYR A 353 -20.14 13.88 10.10
CA TYR A 353 -20.22 14.84 11.20
C TYR A 353 -21.68 14.73 11.67
N ARG A 354 -22.48 14.13 10.79
CA ARG A 354 -23.88 13.88 11.02
C ARG A 354 -23.92 12.37 10.94
N SER A 355 -23.32 11.74 11.94
CA SER A 355 -23.22 10.29 12.03
C SER A 355 -24.54 9.58 12.27
N TYR A 356 -24.98 9.54 13.53
CA TYR A 356 -26.23 8.84 13.91
C TYR A 356 -25.74 7.37 14.03
S SO4 B . -11.47 -6.16 1.24
O1 SO4 B . -11.81 -4.84 1.92
O2 SO4 B . -10.10 -6.72 1.69
O3 SO4 B . -12.57 -7.13 1.70
O4 SO4 B . -11.39 -5.95 -0.25
S SO4 C . 7.47 -4.55 14.64
O1 SO4 C . 7.37 -3.09 14.19
O2 SO4 C . 8.44 -4.71 15.81
O3 SO4 C . 6.06 -4.94 15.13
O4 SO4 C . 8.01 -5.40 13.48
S SO4 D . -8.40 6.26 -5.79
O1 SO4 D . -7.42 7.34 -5.28
O2 SO4 D . -7.69 4.96 -6.14
O3 SO4 D . -9.42 5.98 -4.69
O4 SO4 D . -9.07 6.71 -7.09
S SO4 E . 6.09 -12.76 1.17
O1 SO4 E . 6.56 -11.69 0.13
O2 SO4 E . 7.29 -13.59 1.71
O3 SO4 E . 5.47 -12.00 2.34
O4 SO4 E . 5.09 -13.73 0.53
PB GDP F . 18.10 13.23 -12.93
O1B GDP F . 19.02 12.03 -12.89
O2B GDP F . 17.16 13.24 -14.25
O3B GDP F . 17.46 13.69 -11.60
O3A GDP F . 19.11 14.42 -13.24
PA GDP F . 19.72 15.55 -12.25
O1A GDP F . 18.63 16.39 -11.66
O2A GDP F . 20.56 14.81 -11.08
O5' GDP F . 20.67 16.47 -13.15
C5' GDP F . 21.73 15.65 -13.67
C4' GDP F . 22.98 16.51 -13.93
O4' GDP F . 22.64 17.62 -14.86
C3' GDP F . 23.54 17.23 -12.70
O3' GDP F . 24.89 17.34 -12.29
C2' GDP F . 22.71 18.54 -12.67
O2' GDP F . 23.49 19.53 -11.98
C1' GDP F . 22.83 18.91 -14.14
N9 GDP F . 21.78 19.85 -14.58
C8 GDP F . 20.47 19.88 -14.19
N7 GDP F . 19.85 20.86 -14.79
C5 GDP F . 20.72 21.52 -15.59
C6 GDP F . 20.63 22.66 -16.46
O6 GDP F . 19.57 23.26 -16.62
N1 GDP F . 21.77 23.05 -17.14
C2 GDP F . 22.97 22.37 -16.97
N2 GDP F . 24.08 22.80 -17.65
N3 GDP F . 23.06 21.33 -16.16
C4 GDP F . 21.98 20.88 -15.46
#